data_6FKZ
#
_entry.id   6FKZ
#
_cell.length_a   87.220
_cell.length_b   87.220
_cell.length_c   318.850
_cell.angle_alpha   90.00
_cell.angle_beta   90.00
_cell.angle_gamma   120.00
#
_symmetry.space_group_name_H-M   'P 65 2 2'
#
loop_
_entity.id
_entity.type
_entity.pdbx_description
1 polymer 'NAD-dependent protein deacylase sirtuin-5, mitochondrial'
2 polymer '3(S)-(phenylthio)succinyl-CPS1 peptide'
3 polymer '3(R)-(phenylthio)succinyl-CPS1 peptide'
4 non-polymer 'ZINC ION'
5 non-polymer GLYCEROL
6 non-polymer '4-(2-HYDROXYETHYL)-1-PIPERAZINE ETHANESULFONIC ACID'
7 water water
#
loop_
_entity_poly.entity_id
_entity_poly.type
_entity_poly.pdbx_seq_one_letter_code
_entity_poly.pdbx_strand_id
1 'polypeptide(L)'
;GIDPFTKMTRPSSDLTAFREHFAKAKHIAIITGAGVSAESGVPTFRGPGGFWRKWQAQDLATPEAFSRDPSLVWEFYHYR
REVMRSKMPNPAHLAIAECEARLGQQGRSVVIITQNIDELHHRAGSKHVYEIHGSLFKTRCMSCGEVKANHKSPICPALD
GKGAPDPNTKEARIPVELLPRCERKSCNGLLRPHVVWFGETLDSDILTAVERELEKCDLCLVVGTSSIVYPAAMFAPQVA
SRGVPVAEFNMECTPATQRFKYHFEGPCGSTLPPALERHESEAV
;
A,B
2 'polypeptide(L)' (GZB)VL(DQK)EYGV E
3 'polypeptide(L)' (GZB)VL(EYZ)EYGV H
#
loop_
_chem_comp.id
_chem_comp.type
_chem_comp.name
_chem_comp.formula
DQK non-polymer '(2~{S})-4-[[(5~{S})-5-azanyl-6-oxidanylidene-hexyl]amino]-2-naphthalen-2-ylsulfanyl-4-oxidanylidene-butanoic acid' 'C20 H24 N2 O4 S'
EPE non-polymer '4-(2-HYDROXYETHYL)-1-PIPERAZINE ETHANESULFONIC ACID' 'C8 H18 N2 O4 S'
EYZ non-polymer '(2~{S})-2-azanyl-6-[[(3~{R})-4-oxidanyl-4-oxidanylidene-3-phenylsulfanyl-butanoyl]amino]hexanoic acid' 'C16 H22 N2 O5 S'
GOL non-polymer GLYCEROL 'C3 H8 O3'
ZN non-polymer 'ZINC ION' 'Zn 2'
#
# COMPACT_ATOMS: atom_id res chain seq x y z
N ASP A 14 -9.29 0.15 25.81
CA ASP A 14 -8.40 1.38 25.92
C ASP A 14 -7.19 1.37 24.96
N LEU A 15 -6.99 2.52 24.30
CA LEU A 15 -6.00 2.64 23.25
C LEU A 15 -4.61 2.80 23.80
N THR A 16 -4.43 3.85 24.59
CA THR A 16 -3.11 4.22 25.12
C THR A 16 -2.48 3.11 26.00
N ALA A 17 -3.31 2.24 26.55
CA ALA A 17 -2.84 1.02 27.20
C ALA A 17 -2.06 0.13 26.24
N PHE A 18 -2.69 -0.15 25.10
CA PHE A 18 -2.06 -0.91 24.05
C PHE A 18 -0.75 -0.30 23.62
N ARG A 19 -0.77 1.02 23.49
CA ARG A 19 0.37 1.75 22.97
C ARG A 19 1.65 1.60 23.82
N GLU A 20 1.48 1.37 25.12
CA GLU A 20 2.60 1.24 26.04
C GLU A 20 3.21 -0.15 26.09
N HIS A 21 2.45 -1.17 25.71
CA HIS A 21 3.05 -2.48 25.41
C HIS A 21 3.84 -2.38 24.17
N PHE A 22 3.20 -1.86 23.12
CA PHE A 22 3.82 -1.63 21.83
C PHE A 22 5.16 -0.89 21.95
N ALA A 23 5.20 0.10 22.84
CA ALA A 23 6.43 0.78 23.19
C ALA A 23 7.50 -0.16 23.76
N LYS A 24 7.10 -0.88 24.80
CA LYS A 24 7.97 -1.79 25.51
C LYS A 24 8.35 -3.00 24.67
N ALA A 25 7.38 -3.57 23.96
CA ALA A 25 7.49 -4.88 23.30
C ALA A 25 8.59 -4.96 22.26
N LYS A 26 9.25 -6.12 22.16
CA LYS A 26 10.42 -6.34 21.29
C LYS A 26 10.36 -7.50 20.29
N HIS A 27 9.40 -8.42 20.40
CA HIS A 27 9.15 -9.39 19.33
C HIS A 27 7.64 -9.44 19.10
N ILE A 28 7.18 -8.80 18.04
CA ILE A 28 5.77 -8.69 17.78
C ILE A 28 5.40 -9.67 16.69
N ALA A 29 4.23 -10.26 16.85
CA ALA A 29 3.74 -11.26 15.92
C ALA A 29 2.33 -10.91 15.57
N ILE A 30 2.10 -10.63 14.29
CA ILE A 30 0.82 -10.15 13.84
C ILE A 30 0.21 -11.26 12.98
N ILE A 31 -1.00 -11.68 13.35
CA ILE A 31 -1.73 -12.68 12.58
C ILE A 31 -2.81 -11.93 11.79
N THR A 32 -2.85 -12.14 10.48
CA THR A 32 -3.83 -11.49 9.64
C THR A 32 -4.84 -12.49 9.12
N GLY A 33 -6.12 -12.14 9.24
CA GLY A 33 -7.19 -12.87 8.58
C GLY A 33 -7.51 -12.29 7.21
N ALA A 34 -8.61 -12.78 6.63
CA ALA A 34 -9.02 -12.30 5.33
C ALA A 34 -9.79 -11.00 5.43
N GLY A 35 -10.07 -10.53 6.65
CA GLY A 35 -10.54 -9.18 6.84
C GLY A 35 -9.68 -8.15 6.15
N VAL A 36 -8.36 -8.33 6.20
CA VAL A 36 -7.47 -7.31 5.63
C VAL A 36 -7.53 -7.40 4.11
N SER A 37 -7.54 -8.62 3.58
CA SER A 37 -7.71 -8.84 2.16
C SER A 37 -9.03 -8.19 1.68
N ALA A 38 -10.09 -8.34 2.46
CA ALA A 38 -11.38 -7.82 2.10
C ALA A 38 -11.37 -6.30 2.05
N GLU A 39 -10.65 -5.71 3.00
CA GLU A 39 -10.48 -4.28 3.00
C GLU A 39 -9.73 -3.71 1.81
N SER A 40 -9.14 -4.55 0.97
CA SER A 40 -8.49 -4.09 -0.27
C SER A 40 -9.35 -4.38 -1.49
N GLY A 41 -10.58 -4.82 -1.28
CA GLY A 41 -11.47 -5.12 -2.37
C GLY A 41 -11.36 -6.54 -2.88
N VAL A 42 -10.59 -7.37 -2.20
CA VAL A 42 -10.42 -8.77 -2.60
C VAL A 42 -11.63 -9.63 -2.19
N PRO A 43 -12.19 -10.37 -3.14
CA PRO A 43 -13.30 -11.28 -2.81
C PRO A 43 -12.84 -12.50 -2.03
N THR A 44 -13.69 -13.01 -1.14
CA THR A 44 -13.31 -14.19 -0.32
C THR A 44 -14.37 -15.26 -0.13
N PHE A 45 -15.46 -15.24 -0.90
CA PHE A 45 -16.26 -16.45 -1.10
C PHE A 45 -16.79 -17.23 0.15
N ARG A 46 -17.02 -16.47 1.22
CA ARG A 46 -17.65 -17.01 2.45
C ARG A 46 -19.10 -16.53 2.52
N GLY A 47 -20.05 -17.45 2.77
CA GLY A 47 -21.47 -17.11 3.04
C GLY A 47 -22.04 -15.95 2.21
N PRO A 48 -22.66 -14.93 2.87
CA PRO A 48 -23.52 -13.88 2.27
C PRO A 48 -23.10 -13.30 0.92
N GLY A 49 -23.53 -13.95 -0.17
CA GLY A 49 -23.22 -13.51 -1.54
C GLY A 49 -21.85 -13.96 -2.06
N GLY A 50 -21.24 -14.97 -1.43
CA GLY A 50 -19.88 -15.40 -1.78
C GLY A 50 -19.73 -16.55 -2.76
N PHE A 51 -20.34 -16.47 -3.95
CA PHE A 51 -20.29 -17.51 -4.95
C PHE A 51 -19.30 -17.12 -6.04
N TRP A 52 -18.90 -18.12 -6.85
CA TRP A 52 -18.20 -17.91 -8.12
C TRP A 52 -18.94 -18.76 -9.14
N ARG A 53 -19.40 -18.13 -10.23
CA ARG A 53 -20.37 -18.75 -11.11
C ARG A 53 -21.37 -19.53 -10.23
N LYS A 54 -21.51 -20.86 -10.43
CA LYS A 54 -22.55 -21.62 -9.77
C LYS A 54 -22.13 -22.20 -8.39
N TRP A 55 -20.93 -21.89 -7.89
CA TRP A 55 -20.36 -22.59 -6.72
C TRP A 55 -19.78 -21.67 -5.68
N GLN A 56 -19.73 -22.14 -4.44
CA GLN A 56 -18.94 -21.48 -3.39
C GLN A 56 -17.56 -22.13 -3.30
N ALA A 57 -16.64 -21.48 -2.57
CA ALA A 57 -15.24 -21.93 -2.42
C ALA A 57 -15.12 -23.39 -2.01
N GLN A 58 -15.85 -23.70 -0.95
CA GLN A 58 -16.01 -25.06 -0.46
C GLN A 58 -16.11 -26.14 -1.55
N ASP A 59 -16.78 -25.86 -2.67
CA ASP A 59 -16.90 -26.81 -3.79
C ASP A 59 -15.61 -26.95 -4.59
N LEU A 60 -14.95 -25.84 -4.84
CA LEU A 60 -13.82 -25.78 -5.77
C LEU A 60 -12.45 -25.96 -5.16
N ALA A 61 -12.33 -25.56 -3.90
CA ALA A 61 -11.04 -25.53 -3.23
C ALA A 61 -10.74 -26.86 -2.53
N THR A 62 -10.70 -27.94 -3.30
CA THR A 62 -10.56 -29.30 -2.77
C THR A 62 -9.71 -30.07 -3.74
N PRO A 63 -9.01 -31.10 -3.25
CA PRO A 63 -8.20 -31.94 -4.13
C PRO A 63 -8.99 -32.78 -5.18
N GLU A 64 -10.24 -33.14 -4.85
CA GLU A 64 -11.06 -33.98 -5.70
C GLU A 64 -11.51 -33.12 -6.85
N ALA A 65 -12.12 -31.98 -6.52
CA ALA A 65 -12.53 -31.01 -7.52
C ALA A 65 -11.42 -30.80 -8.55
N PHE A 66 -10.16 -30.77 -8.09
CA PHE A 66 -9.02 -30.61 -8.99
C PHE A 66 -8.76 -31.86 -9.82
N SER A 67 -8.55 -33.00 -9.17
CA SER A 67 -8.50 -34.31 -9.88
C SER A 67 -9.60 -34.39 -10.95
N ARG A 68 -10.83 -34.15 -10.52
CA ARG A 68 -12.03 -34.32 -11.33
C ARG A 68 -12.32 -33.21 -12.36
N ASP A 69 -11.83 -31.98 -12.21
CA ASP A 69 -12.04 -30.91 -13.24
C ASP A 69 -11.03 -29.74 -13.15
N PRO A 70 -9.77 -30.02 -13.48
CA PRO A 70 -8.76 -28.98 -13.39
C PRO A 70 -9.05 -27.72 -14.22
N SER A 71 -9.58 -27.88 -15.45
CA SER A 71 -10.01 -26.73 -16.31
C SER A 71 -10.76 -25.71 -15.51
N LEU A 72 -11.75 -26.22 -14.78
CA LEU A 72 -12.62 -25.39 -13.99
C LEU A 72 -11.90 -24.81 -12.78
N VAL A 73 -11.19 -25.65 -12.04
CA VAL A 73 -10.48 -25.17 -10.87
C VAL A 73 -9.49 -24.08 -11.32
N TRP A 74 -8.71 -24.37 -12.34
CA TRP A 74 -7.75 -23.38 -12.81
C TRP A 74 -8.39 -22.10 -13.27
N GLU A 75 -9.59 -22.15 -13.87
CA GLU A 75 -10.35 -20.93 -14.21
C GLU A 75 -10.60 -20.08 -12.97
N PHE A 76 -11.16 -20.71 -11.96
CA PHE A 76 -11.38 -20.08 -10.67
C PHE A 76 -10.14 -19.41 -10.15
N TYR A 77 -9.04 -20.12 -10.21
CA TYR A 77 -7.81 -19.61 -9.65
C TYR A 77 -7.18 -18.56 -10.57
N HIS A 78 -7.22 -18.79 -11.88
CA HIS A 78 -6.81 -17.78 -12.89
C HIS A 78 -7.46 -16.44 -12.64
N TYR A 79 -8.77 -16.46 -12.43
CA TYR A 79 -9.53 -15.27 -12.10
C TYR A 79 -9.02 -14.57 -10.86
N ARG A 80 -8.80 -15.32 -9.80
CA ARG A 80 -8.32 -14.72 -8.57
C ARG A 80 -6.96 -14.05 -8.73
N ARG A 81 -6.09 -14.65 -9.54
CA ARG A 81 -4.79 -14.09 -9.83
C ARG A 81 -4.89 -12.77 -10.57
N GLU A 82 -5.77 -12.74 -11.56
CA GLU A 82 -5.97 -11.54 -12.35
C GLU A 82 -6.59 -10.43 -11.53
N VAL A 83 -7.52 -10.72 -10.62
CA VAL A 83 -8.16 -9.61 -9.87
C VAL A 83 -7.16 -8.81 -9.04
N MET A 84 -6.08 -9.45 -8.59
CA MET A 84 -5.06 -8.78 -7.79
C MET A 84 -4.37 -7.64 -8.54
N ARG A 85 -4.37 -7.74 -9.88
CA ARG A 85 -3.83 -6.72 -10.76
C ARG A 85 -4.40 -5.32 -10.48
N SER A 86 -5.66 -5.22 -10.07
CA SER A 86 -6.29 -3.93 -9.75
C SER A 86 -6.45 -3.66 -8.25
N LYS A 87 -6.12 -4.64 -7.43
CA LYS A 87 -6.39 -4.59 -6.00
C LYS A 87 -5.12 -4.27 -5.26
N MET A 88 -5.11 -3.16 -4.53
CA MET A 88 -3.89 -2.69 -3.87
C MET A 88 -3.91 -3.00 -2.39
N PRO A 89 -2.73 -2.98 -1.76
CA PRO A 89 -2.64 -3.08 -0.31
C PRO A 89 -3.31 -1.91 0.39
N ASN A 90 -4.14 -2.20 1.39
CA ASN A 90 -4.77 -1.14 2.18
C ASN A 90 -3.83 -0.63 3.27
N PRO A 91 -4.22 0.42 4.02
CA PRO A 91 -3.29 1.06 4.96
C PRO A 91 -2.75 0.17 6.06
N ALA A 92 -3.53 -0.86 6.44
CA ALA A 92 -3.05 -1.83 7.40
C ALA A 92 -1.84 -2.57 6.80
N HIS A 93 -2.03 -3.22 5.67
CA HIS A 93 -0.98 -3.95 4.98
C HIS A 93 0.37 -3.27 5.04
N LEU A 94 0.30 -1.94 4.92
CA LEU A 94 1.46 -1.05 4.90
C LEU A 94 2.00 -0.65 6.25
N ALA A 95 1.12 -0.15 7.11
CA ALA A 95 1.51 0.22 8.47
C ALA A 95 2.33 -0.91 9.08
N ILE A 96 1.82 -2.14 8.90
CA ILE A 96 2.53 -3.35 9.22
C ILE A 96 3.88 -3.36 8.55
N ALA A 97 3.92 -3.45 7.23
CA ALA A 97 5.18 -3.46 6.50
C ALA A 97 6.16 -2.40 7.01
N GLU A 98 5.63 -1.20 7.25
CA GLU A 98 6.44 -0.06 7.66
C GLU A 98 6.91 -0.18 9.07
N CYS A 99 5.99 -0.55 9.93
CA CYS A 99 6.29 -0.88 11.33
C CYS A 99 7.30 -2.00 11.44
N GLU A 100 7.18 -3.04 10.61
CA GLU A 100 8.14 -4.14 10.61
C GLU A 100 9.52 -3.62 10.35
N ALA A 101 9.60 -2.80 9.31
CA ALA A 101 10.82 -2.19 8.87
C ALA A 101 11.38 -1.20 9.89
N ARG A 102 10.55 -0.26 10.31
CA ARG A 102 10.90 0.73 11.32
C ARG A 102 11.47 0.12 12.58
N LEU A 103 10.83 -0.97 13.06
CA LEU A 103 11.23 -1.65 14.31
C LEU A 103 12.51 -2.41 14.12
N GLY A 104 12.57 -3.24 13.07
CA GLY A 104 13.80 -3.95 12.68
C GLY A 104 15.05 -3.11 12.70
N GLN A 105 14.94 -1.87 12.23
CA GLN A 105 16.02 -0.90 12.32
C GLN A 105 16.64 -0.82 13.71
N GLN A 106 15.77 -0.85 14.73
CA GLN A 106 16.14 -0.80 16.15
C GLN A 106 16.31 -2.20 16.74
N GLY A 107 16.63 -3.18 15.90
CA GLY A 107 16.73 -4.58 16.31
C GLY A 107 15.49 -5.21 16.90
N ARG A 108 14.31 -4.67 16.58
CA ARG A 108 13.05 -5.20 17.11
C ARG A 108 12.30 -6.02 16.06
N SER A 109 11.86 -7.19 16.48
CA SER A 109 11.37 -8.21 15.59
C SER A 109 9.86 -8.06 15.36
N VAL A 110 9.43 -8.26 14.12
CA VAL A 110 8.00 -8.19 13.74
C VAL A 110 7.71 -9.22 12.67
N VAL A 111 6.82 -10.16 12.96
CA VAL A 111 6.51 -11.16 11.97
C VAL A 111 5.02 -11.28 11.72
N ILE A 112 4.70 -11.51 10.46
CA ILE A 112 3.33 -11.63 10.02
C ILE A 112 3.07 -13.12 9.84
N ILE A 113 1.90 -13.55 10.29
CA ILE A 113 1.44 -14.91 10.08
C ILE A 113 0.06 -14.76 9.44
N THR A 114 -0.12 -15.28 8.23
CA THR A 114 -1.29 -14.92 7.42
C THR A 114 -2.03 -16.08 6.73
N GLN A 115 -3.37 -16.06 6.88
CA GLN A 115 -4.28 -17.04 6.23
C GLN A 115 -4.54 -16.68 4.79
N ASN A 116 -3.99 -15.54 4.35
CA ASN A 116 -4.26 -15.00 3.05
C ASN A 116 -3.19 -15.46 2.14
N ILE A 117 -3.55 -15.39 0.87
CA ILE A 117 -2.79 -16.03 -0.18
C ILE A 117 -2.60 -15.13 -1.38
N ASP A 118 -2.72 -13.83 -1.17
CA ASP A 118 -2.82 -12.84 -2.26
C ASP A 118 -1.56 -12.00 -2.39
N GLU A 119 -0.55 -12.35 -1.61
CA GLU A 119 0.76 -11.69 -1.58
C GLU A 119 0.69 -10.19 -1.25
N LEU A 120 -0.45 -9.71 -0.73
CA LEU A 120 -0.59 -8.28 -0.41
C LEU A 120 0.34 -7.77 0.67
N HIS A 121 0.68 -8.59 1.65
CA HIS A 121 1.72 -8.16 2.60
C HIS A 121 3.05 -7.95 1.92
N HIS A 122 3.35 -8.87 0.99
CA HIS A 122 4.62 -8.88 0.26
C HIS A 122 4.70 -7.64 -0.54
N ARG A 123 3.58 -7.25 -1.13
CA ARG A 123 3.50 -6.04 -1.93
C ARG A 123 3.55 -4.78 -1.11
N ALA A 124 2.99 -4.77 0.10
CA ALA A 124 3.18 -3.61 1.00
C ALA A 124 4.63 -3.54 1.48
N GLY A 125 5.34 -4.67 1.37
CA GLY A 125 6.77 -4.76 1.62
C GLY A 125 7.09 -5.35 2.98
N SER A 126 6.16 -6.07 3.60
CA SER A 126 6.48 -6.87 4.76
C SER A 126 7.43 -7.99 4.25
N LYS A 127 8.40 -8.39 5.06
CA LYS A 127 9.48 -9.33 4.68
C LYS A 127 9.41 -10.63 5.48
N HIS A 128 9.53 -10.52 6.80
N HIS A 128 9.53 -10.52 6.80
CA HIS A 128 9.45 -11.69 7.68
CA HIS A 128 9.45 -11.68 7.69
C HIS A 128 7.97 -12.08 7.79
C HIS A 128 7.98 -12.08 7.80
N VAL A 129 7.51 -12.84 6.81
CA VAL A 129 6.08 -13.17 6.62
C VAL A 129 5.91 -14.68 6.51
N TYR A 130 4.82 -15.23 7.05
CA TYR A 130 4.51 -16.65 6.93
C TYR A 130 3.15 -16.90 6.25
N GLU A 131 3.18 -17.24 4.96
CA GLU A 131 1.96 -17.52 4.20
C GLU A 131 1.52 -18.95 4.48
N ILE A 132 0.64 -19.13 5.45
CA ILE A 132 0.35 -20.48 5.92
C ILE A 132 -0.64 -21.25 5.04
N HIS A 133 -1.27 -20.55 4.10
CA HIS A 133 -2.12 -21.26 3.18
C HIS A 133 -1.45 -21.32 1.83
N GLY A 134 -0.16 -21.00 1.82
CA GLY A 134 0.56 -20.85 0.58
C GLY A 134 0.13 -19.54 -0.06
N SER A 135 0.15 -19.54 -1.39
CA SER A 135 -0.06 -18.34 -2.20
C SER A 135 -0.65 -18.63 -3.58
N LEU A 136 -1.51 -17.74 -4.07
CA LEU A 136 -2.01 -17.76 -5.45
C LEU A 136 -0.88 -17.69 -6.45
N PHE A 137 0.12 -16.85 -6.17
CA PHE A 137 1.23 -16.68 -7.09
C PHE A 137 2.40 -17.58 -6.74
N LYS A 138 2.09 -18.86 -6.47
CA LYS A 138 3.06 -19.94 -6.38
C LYS A 138 2.44 -21.22 -6.91
N THR A 139 3.26 -22.04 -7.55
CA THR A 139 2.79 -23.22 -8.27
C THR A 139 3.48 -24.45 -7.77
N ARG A 140 2.73 -25.54 -7.72
CA ARG A 140 3.28 -26.82 -7.33
C ARG A 140 3.08 -27.82 -8.46
N CYS A 141 4.17 -28.41 -8.91
CA CYS A 141 4.06 -29.50 -9.90
C CYS A 141 3.51 -30.75 -9.26
N MET A 142 2.44 -31.26 -9.84
CA MET A 142 1.85 -32.50 -9.39
C MET A 142 2.77 -33.73 -9.61
N SER A 143 3.68 -33.66 -10.58
CA SER A 143 4.55 -34.81 -10.90
C SER A 143 5.76 -34.82 -9.99
N CYS A 144 6.62 -33.82 -10.14
CA CYS A 144 7.89 -33.77 -9.43
C CYS A 144 7.83 -33.02 -8.12
N GLY A 145 6.79 -32.22 -7.89
CA GLY A 145 6.64 -31.53 -6.62
C GLY A 145 7.29 -30.17 -6.45
N GLU A 146 7.95 -29.65 -7.48
CA GLU A 146 8.66 -28.34 -7.42
C GLU A 146 7.72 -27.19 -7.07
N VAL A 147 8.23 -26.24 -6.28
CA VAL A 147 7.49 -25.01 -5.94
C VAL A 147 8.25 -23.78 -6.39
N LYS A 148 7.76 -23.18 -7.49
CA LYS A 148 8.28 -21.92 -8.01
C LYS A 148 7.19 -20.89 -7.99
N ALA A 149 7.59 -19.62 -7.91
CA ALA A 149 6.64 -18.50 -7.95
C ALA A 149 6.20 -18.34 -9.37
N ASN A 150 5.01 -17.80 -9.57
CA ASN A 150 4.56 -17.51 -10.91
C ASN A 150 3.59 -16.38 -10.86
N HIS A 151 3.98 -15.24 -11.44
CA HIS A 151 3.08 -14.10 -11.58
C HIS A 151 2.59 -13.83 -13.02
N LYS A 152 2.88 -14.75 -13.94
CA LYS A 152 2.46 -14.64 -15.34
C LYS A 152 0.98 -14.38 -15.46
N SER A 153 0.64 -13.51 -16.39
CA SER A 153 -0.74 -13.14 -16.60
C SER A 153 -0.91 -13.09 -18.12
N PRO A 154 -1.66 -14.01 -18.73
CA PRO A 154 -2.14 -15.21 -18.11
C PRO A 154 -1.00 -16.20 -17.78
N ILE A 155 -1.19 -16.96 -16.70
CA ILE A 155 -0.32 -18.09 -16.36
C ILE A 155 -0.03 -19.02 -17.52
N CYS A 156 -0.99 -19.14 -18.43
CA CYS A 156 -0.78 -19.84 -19.68
C CYS A 156 -1.82 -19.37 -20.68
N PRO A 157 -1.46 -19.39 -21.98
CA PRO A 157 -2.30 -19.02 -23.13
C PRO A 157 -3.72 -19.55 -23.06
N ALA A 158 -3.86 -20.84 -22.81
CA ALA A 158 -5.17 -21.53 -22.83
C ALA A 158 -6.23 -20.85 -21.95
N LEU A 159 -5.78 -20.24 -20.86
CA LEU A 159 -6.66 -19.55 -19.92
C LEU A 159 -6.82 -18.06 -20.23
N ASP A 160 -6.34 -17.61 -21.39
CA ASP A 160 -6.17 -16.21 -21.57
C ASP A 160 -7.54 -15.59 -21.57
N GLY A 161 -7.76 -14.71 -20.59
CA GLY A 161 -9.07 -14.11 -20.37
C GLY A 161 -10.21 -15.12 -20.25
N LYS A 162 -9.98 -16.19 -19.52
CA LYS A 162 -11.06 -17.07 -19.14
C LYS A 162 -11.34 -16.73 -17.67
N GLY A 163 -12.08 -17.63 -17.02
CA GLY A 163 -12.35 -17.54 -15.58
C GLY A 163 -13.34 -16.45 -15.20
N ALA A 164 -14.12 -15.96 -16.16
CA ALA A 164 -15.08 -14.93 -15.89
C ALA A 164 -16.05 -15.40 -14.82
N PRO A 165 -16.45 -14.51 -13.91
CA PRO A 165 -17.18 -14.89 -12.69
C PRO A 165 -18.73 -15.06 -12.76
N ASP A 166 -19.32 -14.94 -13.96
CA ASP A 166 -20.76 -14.83 -14.09
C ASP A 166 -21.38 -16.21 -14.05
N PRO A 167 -22.48 -16.40 -13.31
CA PRO A 167 -23.22 -17.66 -13.32
C PRO A 167 -23.32 -18.37 -14.68
N ASN A 168 -23.40 -17.56 -15.74
CA ASN A 168 -23.87 -17.98 -17.04
C ASN A 168 -22.71 -18.47 -17.89
N THR A 169 -21.62 -17.73 -17.86
CA THR A 169 -20.36 -18.09 -18.50
C THR A 169 -20.19 -19.57 -18.84
N LYS A 170 -19.94 -19.88 -20.11
CA LYS A 170 -19.51 -21.23 -20.54
C LYS A 170 -18.15 -21.58 -19.93
N GLU A 171 -17.91 -22.86 -19.73
CA GLU A 171 -16.64 -23.31 -19.18
C GLU A 171 -15.59 -23.36 -20.25
N ALA A 172 -14.41 -22.81 -19.94
CA ALA A 172 -13.24 -22.90 -20.81
C ALA A 172 -12.96 -24.32 -21.26
N ARG A 173 -13.14 -25.30 -20.36
CA ARG A 173 -13.15 -26.72 -20.75
C ARG A 173 -11.81 -27.09 -21.37
N ILE A 174 -10.72 -26.58 -20.80
CA ILE A 174 -9.40 -26.75 -21.39
C ILE A 174 -8.95 -28.19 -21.24
N PRO A 175 -8.36 -28.77 -22.30
CA PRO A 175 -7.68 -30.08 -22.17
C PRO A 175 -6.47 -30.00 -21.23
N VAL A 176 -6.28 -31.03 -20.38
CA VAL A 176 -5.27 -30.95 -19.30
C VAL A 176 -3.85 -30.66 -19.78
N GLU A 177 -3.50 -31.22 -20.94
CA GLU A 177 -2.16 -31.02 -21.49
C GLU A 177 -1.86 -29.52 -21.68
N LEU A 178 -2.89 -28.72 -21.93
CA LEU A 178 -2.77 -27.26 -22.18
C LEU A 178 -2.97 -26.37 -20.94
N LEU A 179 -3.23 -26.98 -19.79
CA LEU A 179 -3.20 -26.26 -18.53
C LEU A 179 -1.74 -26.00 -18.15
N PRO A 180 -1.47 -25.19 -17.12
CA PRO A 180 -0.07 -24.86 -16.85
C PRO A 180 0.77 -26.08 -16.50
N ARG A 181 1.95 -26.19 -17.10
CA ARG A 181 2.79 -27.35 -16.92
C ARG A 181 4.18 -26.99 -16.46
N CYS A 182 4.86 -28.01 -15.98
CA CYS A 182 6.20 -27.92 -15.46
C CYS A 182 7.19 -27.60 -16.57
N GLU A 183 7.60 -26.33 -16.61
CA GLU A 183 8.61 -25.84 -17.55
C GLU A 183 9.91 -26.64 -17.58
N ARG A 184 10.32 -27.22 -16.45
CA ARG A 184 11.41 -28.21 -16.45
C ARG A 184 10.89 -29.38 -17.23
N LYS A 185 11.19 -29.39 -18.53
CA LYS A 185 10.53 -30.30 -19.51
C LYS A 185 11.06 -31.73 -19.45
N SER A 186 12.19 -31.92 -18.73
CA SER A 186 12.56 -33.23 -18.19
C SER A 186 11.39 -33.90 -17.45
N CYS A 187 10.41 -33.12 -16.99
CA CYS A 187 9.17 -33.60 -16.34
C CYS A 187 7.88 -33.27 -17.10
N ASN A 188 7.58 -31.97 -17.25
CA ASN A 188 6.36 -31.47 -17.91
C ASN A 188 5.05 -31.94 -17.25
N GLY A 189 5.10 -32.08 -15.93
CA GLY A 189 3.95 -32.44 -15.14
C GLY A 189 2.95 -31.33 -15.11
N LEU A 190 1.81 -31.60 -14.48
CA LEU A 190 0.74 -30.61 -14.29
C LEU A 190 0.97 -29.80 -13.06
N LEU A 191 0.77 -28.49 -13.17
CA LEU A 191 0.90 -27.62 -12.02
C LEU A 191 -0.46 -27.42 -11.38
N ARG A 192 -0.44 -27.19 -10.07
CA ARG A 192 -1.61 -26.77 -9.31
C ARG A 192 -1.24 -25.51 -8.54
N PRO A 193 -2.25 -24.75 -8.07
CA PRO A 193 -1.92 -23.62 -7.22
C PRO A 193 -1.30 -24.16 -5.95
N HIS A 194 -0.18 -23.60 -5.53
CA HIS A 194 0.42 -23.96 -4.23
C HIS A 194 -0.33 -23.27 -3.10
N VAL A 195 -1.52 -23.81 -2.86
CA VAL A 195 -2.48 -23.28 -1.89
C VAL A 195 -2.96 -24.48 -1.04
N VAL A 196 -3.30 -24.23 0.22
CA VAL A 196 -3.85 -25.29 1.04
C VAL A 196 -5.34 -25.32 0.78
N TRP A 197 -5.86 -26.51 0.43
CA TRP A 197 -7.27 -26.70 0.11
C TRP A 197 -7.99 -27.38 1.26
N PHE A 198 -9.32 -27.40 1.16
CA PHE A 198 -10.14 -28.08 2.15
C PHE A 198 -9.81 -29.55 2.14
N GLY A 199 -9.55 -30.05 3.34
CA GLY A 199 -9.03 -31.38 3.56
C GLY A 199 -7.59 -31.53 3.07
N GLU A 200 -6.71 -30.64 3.51
CA GLU A 200 -5.27 -30.78 3.28
C GLU A 200 -4.57 -30.20 4.50
N THR A 201 -3.50 -30.85 4.91
CA THR A 201 -2.83 -30.40 6.10
C THR A 201 -1.86 -29.29 5.81
N LEU A 202 -1.64 -28.47 6.82
CA LEU A 202 -0.67 -27.38 6.72
C LEU A 202 0.73 -27.95 6.83
N ASP A 203 1.70 -27.19 6.31
CA ASP A 203 3.10 -27.59 6.32
C ASP A 203 3.67 -27.58 7.73
N SER A 204 3.96 -28.77 8.26
CA SER A 204 4.58 -28.94 9.58
C SER A 204 5.83 -28.10 9.77
N ASP A 205 6.64 -28.00 8.71
CA ASP A 205 7.78 -27.10 8.71
C ASP A 205 7.40 -25.68 9.10
N ILE A 206 6.37 -25.14 8.45
CA ILE A 206 5.93 -23.77 8.72
C ILE A 206 5.48 -23.66 10.18
N LEU A 207 4.62 -24.57 10.64
CA LEU A 207 4.08 -24.52 12.00
C LEU A 207 5.17 -24.54 13.09
N THR A 208 6.23 -25.31 12.85
CA THR A 208 7.33 -25.36 13.79
C THR A 208 7.96 -24.00 13.90
N ALA A 209 8.20 -23.38 12.74
CA ALA A 209 8.79 -22.05 12.68
C ALA A 209 7.88 -21.03 13.35
N VAL A 210 6.58 -21.13 13.10
CA VAL A 210 5.59 -20.24 13.71
C VAL A 210 5.56 -20.43 15.23
N GLU A 211 5.48 -21.69 15.63
CA GLU A 211 5.49 -22.10 17.03
C GLU A 211 6.68 -21.50 17.77
N ARG A 212 7.86 -21.60 17.14
CA ARG A 212 9.05 -20.91 17.62
C ARG A 212 8.78 -19.41 17.71
N GLU A 213 8.44 -18.81 16.58
CA GLU A 213 8.22 -17.36 16.52
C GLU A 213 7.24 -16.84 17.55
N LEU A 214 6.17 -17.58 17.81
CA LEU A 214 5.13 -17.13 18.75
C LEU A 214 5.60 -17.22 20.16
N GLU A 215 6.27 -18.32 20.45
CA GLU A 215 6.85 -18.50 21.74
C GLU A 215 7.82 -17.36 22.08
N LYS A 216 8.54 -16.85 21.09
CA LYS A 216 9.42 -15.66 21.30
C LYS A 216 8.72 -14.33 21.45
N CYS A 217 7.45 -14.25 21.08
CA CYS A 217 6.79 -12.95 20.97
C CYS A 217 6.33 -12.48 22.33
N ASP A 218 6.24 -11.17 22.49
CA ASP A 218 5.78 -10.53 23.72
C ASP A 218 4.69 -9.50 23.46
N LEU A 219 4.00 -9.70 22.34
CA LEU A 219 2.84 -8.93 21.97
C LEU A 219 2.37 -9.56 20.70
N CYS A 220 1.08 -9.88 20.64
CA CYS A 220 0.49 -10.53 19.48
C CYS A 220 -0.71 -9.73 19.02
N LEU A 221 -0.85 -9.59 17.71
CA LEU A 221 -1.97 -8.89 17.11
C LEU A 221 -2.70 -9.86 16.22
N VAL A 222 -4.02 -9.88 16.36
CA VAL A 222 -4.90 -10.60 15.46
C VAL A 222 -5.60 -9.51 14.65
N VAL A 223 -5.56 -9.61 13.33
CA VAL A 223 -6.00 -8.50 12.47
C VAL A 223 -6.91 -8.95 11.32
N GLY A 224 -8.13 -8.39 11.31
CA GLY A 224 -9.16 -8.75 10.33
C GLY A 224 -9.67 -10.14 10.51
N THR A 225 -9.64 -10.61 11.76
CA THR A 225 -10.17 -11.92 12.15
C THR A 225 -10.26 -11.91 13.68
N SER A 226 -10.64 -13.01 14.31
CA SER A 226 -10.64 -13.08 15.79
C SER A 226 -9.97 -14.32 16.36
N SER A 227 -9.44 -14.17 17.57
CA SER A 227 -8.69 -15.21 18.29
C SER A 227 -9.45 -16.52 18.40
N ILE A 228 -10.77 -16.42 18.45
CA ILE A 228 -11.67 -17.54 18.70
C ILE A 228 -11.95 -18.47 17.50
N VAL A 229 -11.47 -18.16 16.30
CA VAL A 229 -11.73 -19.01 15.13
C VAL A 229 -10.44 -19.40 14.46
N TYR A 230 -10.48 -20.53 13.76
CA TYR A 230 -9.40 -20.95 12.88
C TYR A 230 -9.08 -19.78 11.92
N PRO A 231 -7.80 -19.50 11.64
CA PRO A 231 -6.63 -20.20 12.21
C PRO A 231 -6.02 -19.58 13.47
N ALA A 232 -6.36 -18.32 13.75
CA ALA A 232 -5.88 -17.63 14.93
C ALA A 232 -5.92 -18.51 16.19
N ALA A 233 -7.00 -19.26 16.36
CA ALA A 233 -7.23 -20.06 17.55
C ALA A 233 -6.20 -21.20 17.83
N MET A 234 -5.41 -21.57 16.82
CA MET A 234 -4.29 -22.48 17.03
C MET A 234 -3.08 -21.87 17.72
N PHE A 235 -3.03 -20.54 17.70
CA PHE A 235 -1.85 -19.79 18.10
C PHE A 235 -2.07 -18.93 19.32
N ALA A 236 -3.14 -18.12 19.31
CA ALA A 236 -3.45 -17.17 20.38
C ALA A 236 -3.34 -17.76 21.79
N PRO A 237 -3.85 -19.00 22.01
CA PRO A 237 -3.63 -19.71 23.27
C PRO A 237 -2.19 -19.79 23.71
N GLN A 238 -1.32 -20.30 22.83
CA GLN A 238 0.11 -20.48 23.13
C GLN A 238 0.74 -19.23 23.73
N VAL A 239 0.43 -18.10 23.13
CA VAL A 239 0.97 -16.82 23.56
C VAL A 239 0.21 -16.22 24.72
N ALA A 240 -1.12 -16.34 24.71
CA ALA A 240 -1.92 -15.85 25.83
C ALA A 240 -1.55 -16.60 27.08
N SER A 241 -1.40 -17.92 26.97
CA SER A 241 -1.04 -18.77 28.10
C SER A 241 0.27 -18.37 28.83
N ARG A 242 1.15 -17.63 28.15
CA ARG A 242 2.33 -17.06 28.79
C ARG A 242 2.09 -15.66 29.35
N GLY A 243 0.83 -15.24 29.43
CA GLY A 243 0.48 -13.85 29.78
C GLY A 243 0.84 -12.75 28.79
N VAL A 244 1.05 -13.10 27.53
CA VAL A 244 1.43 -12.11 26.51
C VAL A 244 0.14 -11.47 25.99
N PRO A 245 0.10 -10.13 25.92
CA PRO A 245 -1.15 -9.55 25.53
C PRO A 245 -1.43 -9.71 24.03
N VAL A 246 -2.71 -9.92 23.74
CA VAL A 246 -3.22 -10.23 22.43
C VAL A 246 -4.22 -9.11 22.18
N ALA A 247 -4.21 -8.54 20.98
CA ALA A 247 -5.12 -7.45 20.61
C ALA A 247 -5.82 -7.71 19.27
N GLU A 248 -7.16 -7.72 19.26
CA GLU A 248 -7.93 -8.00 18.05
C GLU A 248 -8.20 -6.66 17.36
N PHE A 249 -8.09 -6.62 16.03
CA PHE A 249 -8.51 -5.44 15.24
C PHE A 249 -9.39 -5.94 14.14
N ASN A 250 -10.69 -5.81 14.29
CA ASN A 250 -11.58 -6.43 13.34
C ASN A 250 -12.94 -5.75 13.34
N MET A 251 -13.85 -6.33 12.57
CA MET A 251 -15.21 -5.88 12.51
C MET A 251 -16.18 -6.56 13.46
N GLU A 252 -15.83 -7.70 14.08
CA GLU A 252 -16.71 -8.33 15.06
C GLU A 252 -17.06 -7.37 16.19
N CYS A 253 -18.36 -7.27 16.45
CA CYS A 253 -18.89 -6.43 17.52
C CYS A 253 -18.51 -7.01 18.87
N THR A 254 -18.55 -6.15 19.89
CA THR A 254 -17.91 -6.39 21.19
C THR A 254 -18.96 -6.13 22.31
N PRO A 255 -19.79 -7.16 22.69
CA PRO A 255 -21.00 -7.00 23.56
C PRO A 255 -20.84 -6.05 24.75
N ALA A 256 -21.96 -5.56 25.29
CA ALA A 256 -21.92 -4.80 26.54
C ALA A 256 -21.39 -5.70 27.67
N THR A 257 -20.68 -5.09 28.61
CA THR A 257 -20.20 -5.72 29.89
C THR A 257 -18.93 -6.57 29.82
N GLN A 258 -18.77 -7.34 28.73
CA GLN A 258 -17.79 -8.42 28.64
C GLN A 258 -16.80 -8.02 27.52
N ARG A 259 -16.33 -6.76 27.54
CA ARG A 259 -15.38 -6.25 26.54
C ARG A 259 -14.02 -6.89 26.82
N PHE A 260 -13.27 -7.29 25.81
CA PHE A 260 -11.95 -7.93 26.00
C PHE A 260 -10.88 -6.90 26.46
N LYS A 261 -9.70 -7.39 26.89
CA LYS A 261 -8.53 -6.55 27.13
C LYS A 261 -7.99 -6.38 25.69
N TYR A 262 -8.27 -5.20 25.13
CA TYR A 262 -7.93 -4.81 23.72
C TYR A 262 -8.62 -5.49 22.52
N HIS A 263 -9.85 -5.06 22.32
CA HIS A 263 -10.56 -5.25 21.08
C HIS A 263 -10.54 -3.88 20.46
N PHE A 264 -10.42 -3.83 19.15
CA PHE A 264 -10.38 -2.57 18.42
C PHE A 264 -11.25 -2.70 17.19
N GLU A 265 -12.53 -2.45 17.44
CA GLU A 265 -13.62 -2.71 16.52
C GLU A 265 -13.60 -1.69 15.42
N GLY A 266 -13.88 -2.15 14.20
CA GLY A 266 -13.86 -1.29 13.04
C GLY A 266 -12.68 -1.58 12.14
N PRO A 267 -12.74 -1.04 10.91
CA PRO A 267 -11.84 -1.44 9.84
C PRO A 267 -10.37 -1.23 10.19
N CYS A 268 -9.57 -2.27 9.91
CA CYS A 268 -8.15 -2.31 10.22
C CYS A 268 -7.42 -1.11 9.68
N GLY A 269 -7.73 -0.78 8.43
CA GLY A 269 -7.14 0.37 7.72
C GLY A 269 -7.28 1.66 8.47
N SER A 270 -8.37 1.81 9.18
CA SER A 270 -8.56 2.96 10.06
C SER A 270 -7.87 2.76 11.38
N THR A 271 -8.13 1.61 12.01
CA THR A 271 -7.76 1.35 13.41
C THR A 271 -6.25 1.23 13.60
N LEU A 272 -5.62 0.46 12.73
CA LEU A 272 -4.26 -0.03 12.97
C LEU A 272 -3.14 1.00 12.84
N PRO A 273 -3.12 1.81 11.74
CA PRO A 273 -2.00 2.80 11.59
C PRO A 273 -1.81 3.79 12.75
N PRO A 274 -2.91 4.29 13.32
CA PRO A 274 -2.83 4.99 14.59
C PRO A 274 -2.15 4.17 15.67
N ALA A 275 -2.59 2.92 15.82
CA ALA A 275 -2.06 2.04 16.86
C ALA A 275 -0.54 1.83 16.72
N LEU A 276 -0.08 1.62 15.49
CA LEU A 276 1.33 1.24 15.23
C LEU A 276 2.33 2.37 15.05
N GLU A 277 1.87 3.59 14.80
CA GLU A 277 2.78 4.69 14.44
C GLU A 277 3.97 4.84 15.43
N SER B 12 -13.38 11.88 -23.91
CA SER B 12 -13.57 10.39 -23.86
C SER B 12 -13.67 9.81 -22.44
N SER B 13 -14.91 9.80 -22.00
CA SER B 13 -15.45 8.79 -21.09
C SER B 13 -14.82 7.33 -21.20
N ASP B 14 -14.49 6.86 -22.43
CA ASP B 14 -14.24 5.41 -22.68
C ASP B 14 -12.91 4.85 -22.13
N LEU B 15 -13.04 3.72 -21.45
CA LEU B 15 -11.94 3.13 -20.73
C LEU B 15 -10.98 2.40 -21.63
N THR B 16 -11.52 1.39 -22.31
CA THR B 16 -10.71 0.48 -23.14
C THR B 16 -9.96 1.20 -24.29
N ALA B 17 -10.45 2.39 -24.69
CA ALA B 17 -9.70 3.26 -25.58
C ALA B 17 -8.36 3.69 -24.98
N PHE B 18 -8.44 4.19 -23.76
CA PHE B 18 -7.26 4.58 -23.02
C PHE B 18 -6.30 3.41 -22.89
N ARG B 19 -6.85 2.24 -22.61
CA ARG B 19 -6.07 1.05 -22.34
C ARG B 19 -5.17 0.64 -23.51
N GLU B 20 -5.57 0.96 -24.73
CA GLU B 20 -4.80 0.62 -25.91
C GLU B 20 -3.67 1.55 -26.26
N HIS B 21 -3.73 2.80 -25.79
CA HIS B 21 -2.53 3.65 -25.78
C HIS B 21 -1.56 3.16 -24.76
N PHE B 22 -2.08 2.94 -23.55
CA PHE B 22 -1.33 2.39 -22.43
C PHE B 22 -0.58 1.11 -22.83
N ALA B 23 -1.24 0.26 -23.60
CA ALA B 23 -0.61 -0.92 -24.19
C ALA B 23 0.57 -0.57 -25.08
N LYS B 24 0.30 0.29 -26.05
CA LYS B 24 1.28 0.68 -27.04
C LYS B 24 2.42 1.53 -26.44
N ALA B 25 2.05 2.47 -25.57
CA ALA B 25 2.96 3.51 -25.06
C ALA B 25 4.18 2.99 -24.32
N LYS B 26 5.32 3.69 -24.49
CA LYS B 26 6.63 3.26 -23.98
C LYS B 26 7.41 4.25 -23.08
N HIS B 27 7.03 5.52 -23.02
CA HIS B 27 7.56 6.42 -22.00
CA HIS B 27 7.56 6.43 -21.99
C HIS B 27 6.39 7.20 -21.41
N ILE B 28 5.99 6.83 -20.21
CA ILE B 28 4.82 7.42 -19.58
C ILE B 28 5.29 8.39 -18.54
N ALA B 29 4.54 9.49 -18.44
CA ALA B 29 4.81 10.54 -17.49
C ALA B 29 3.51 10.85 -16.76
N ILE B 30 3.52 10.66 -15.46
CA ILE B 30 2.35 10.85 -14.64
C ILE B 30 2.56 12.08 -13.78
N ILE B 31 1.65 13.04 -13.86
CA ILE B 31 1.70 14.23 -13.03
C ILE B 31 0.66 14.07 -11.92
N THR B 32 1.10 14.22 -10.66
CA THR B 32 0.19 14.10 -9.53
C THR B 32 -0.04 15.44 -8.90
N GLY B 33 -1.30 15.75 -8.62
CA GLY B 33 -1.68 16.90 -7.79
C GLY B 33 -1.88 16.52 -6.36
N ALA B 34 -2.42 17.44 -5.57
CA ALA B 34 -2.64 17.16 -4.17
C ALA B 34 -3.93 16.40 -3.93
N GLY B 35 -4.71 16.17 -4.97
CA GLY B 35 -5.80 15.22 -4.90
C GLY B 35 -5.38 13.88 -4.34
N VAL B 36 -4.21 13.41 -4.75
CA VAL B 36 -3.77 12.09 -4.33
C VAL B 36 -3.37 12.11 -2.87
N SER B 37 -2.65 13.16 -2.49
CA SER B 37 -2.31 13.40 -1.08
C SER B 37 -3.54 13.46 -0.21
N ALA B 38 -4.58 14.12 -0.71
CA ALA B 38 -5.82 14.28 0.04
C ALA B 38 -6.50 12.94 0.23
N GLU B 39 -6.45 12.11 -0.80
CA GLU B 39 -6.99 10.77 -0.70
C GLU B 39 -6.29 9.89 0.33
N SER B 40 -5.14 10.30 0.87
CA SER B 40 -4.47 9.56 1.93
C SER B 40 -4.68 10.18 3.30
N GLY B 41 -5.56 11.17 3.38
CA GLY B 41 -5.84 11.85 4.62
C GLY B 41 -4.90 12.97 4.94
N VAL B 42 -4.09 13.38 3.96
CA VAL B 42 -3.06 14.41 4.22
C VAL B 42 -3.67 15.80 4.22
N PRO B 43 -3.49 16.54 5.33
CA PRO B 43 -4.01 17.88 5.40
C PRO B 43 -3.10 18.83 4.63
N THR B 44 -3.69 19.89 4.06
CA THR B 44 -2.89 20.89 3.34
C THR B 44 -3.30 22.35 3.56
N PHE B 45 -4.12 22.63 4.57
CA PHE B 45 -4.18 23.97 5.15
C PHE B 45 -4.48 25.19 4.23
N ARG B 46 -5.03 24.98 3.04
CA ARG B 46 -5.63 26.01 2.21
C ARG B 46 -7.14 25.87 2.37
N GLY B 47 -7.68 24.68 2.07
CA GLY B 47 -9.11 24.35 2.15
C GLY B 47 -9.85 25.01 3.32
N PRO B 48 -11.07 25.52 3.08
CA PRO B 48 -11.82 26.52 3.86
C PRO B 48 -11.76 26.38 5.38
N GLY B 49 -11.94 25.16 5.88
CA GLY B 49 -11.93 24.87 7.30
C GLY B 49 -10.58 24.47 7.87
N GLY B 50 -9.52 24.43 7.07
CA GLY B 50 -8.22 23.86 7.44
C GLY B 50 -7.25 24.96 7.79
N PHE B 51 -7.30 25.34 9.06
CA PHE B 51 -6.32 26.28 9.66
C PHE B 51 -5.28 25.48 10.44
N TRP B 52 -4.21 26.16 10.87
CA TRP B 52 -3.24 25.62 11.86
C TRP B 52 -3.10 26.68 12.92
N ARG B 53 -3.40 26.32 14.17
CA ARG B 53 -3.61 27.31 15.23
C ARG B 53 -4.36 28.49 14.62
N LYS B 54 -3.78 29.69 14.66
CA LYS B 54 -4.49 30.91 14.26
C LYS B 54 -4.37 31.25 12.75
N TRP B 55 -3.69 30.42 11.94
CA TRP B 55 -3.30 30.78 10.56
C TRP B 55 -3.58 29.72 9.53
N GLN B 56 -3.72 30.10 8.26
CA GLN B 56 -3.71 29.12 7.13
C GLN B 56 -2.30 29.09 6.53
N ALA B 57 -2.06 28.11 5.64
CA ALA B 57 -0.73 27.86 5.01
C ALA B 57 -0.13 29.10 4.39
N GLN B 58 -0.94 29.75 3.58
CA GLN B 58 -0.65 31.05 2.99
C GLN B 58 0.14 32.02 3.91
N ASP B 59 -0.16 32.03 5.22
CA ASP B 59 0.56 32.88 6.18
C ASP B 59 1.96 32.38 6.50
N LEU B 60 2.06 31.06 6.67
CA LEU B 60 3.27 30.43 7.21
C LEU B 60 4.28 29.97 6.18
N ALA B 61 3.79 29.63 4.98
CA ALA B 61 4.61 29.02 3.94
C ALA B 61 5.24 30.10 3.03
N THR B 62 6.03 30.97 3.64
CA THR B 62 6.60 32.13 2.95
C THR B 62 7.98 32.35 3.51
N PRO B 63 8.88 32.95 2.70
CA PRO B 63 10.24 33.26 3.19
C PRO B 63 10.33 34.29 4.33
N GLU B 64 9.37 35.21 4.37
CA GLU B 64 9.36 36.30 5.34
C GLU B 64 8.98 35.70 6.66
N ALA B 65 7.83 35.02 6.67
CA ALA B 65 7.36 34.30 7.85
C ALA B 65 8.52 33.54 8.48
N PHE B 66 9.38 32.92 7.66
CA PHE B 66 10.54 32.18 8.17
C PHE B 66 11.61 33.11 8.74
N SER B 67 12.11 34.05 7.93
CA SER B 67 13.00 35.12 8.43
C SER B 67 12.50 35.68 9.79
N ARG B 68 11.22 36.09 9.78
CA ARG B 68 10.58 36.79 10.89
C ARG B 68 10.12 35.93 12.08
N ASP B 69 9.91 34.60 11.94
CA ASP B 69 9.58 33.74 13.11
C ASP B 69 9.87 32.24 12.89
N PRO B 70 11.14 31.87 12.77
CA PRO B 70 11.47 30.47 12.50
C PRO B 70 10.91 29.45 13.51
N SER B 71 10.95 29.78 14.81
CA SER B 71 10.34 28.95 15.89
C SER B 71 8.98 28.46 15.49
N LEU B 72 8.17 29.41 15.06
CA LEU B 72 6.81 29.14 14.69
C LEU B 72 6.72 28.34 13.39
N VAL B 73 7.45 28.78 12.37
CA VAL B 73 7.42 28.07 11.10
C VAL B 73 7.87 26.65 11.32
N TRP B 74 8.98 26.46 12.02
CA TRP B 74 9.46 25.11 12.28
C TRP B 74 8.49 24.24 13.04
N GLU B 75 7.72 24.85 13.96
CA GLU B 75 6.63 24.12 14.66
C GLU B 75 5.62 23.58 13.66
N PHE B 76 5.12 24.47 12.83
CA PHE B 76 4.22 24.13 11.75
C PHE B 76 4.74 22.97 10.92
N TYR B 77 6.00 23.06 10.55
CA TYR B 77 6.57 22.05 9.68
C TYR B 77 6.87 20.77 10.44
N HIS B 78 7.37 20.89 11.67
CA HIS B 78 7.53 19.70 12.56
C HIS B 78 6.25 18.88 12.64
N TYR B 79 5.14 19.57 12.87
CA TYR B 79 3.85 18.92 12.94
C TYR B 79 3.50 18.20 11.63
N ARG B 80 3.71 18.86 10.51
CA ARG B 80 3.42 18.23 9.23
C ARG B 80 4.21 16.96 8.99
N ARG B 81 5.47 16.96 9.42
CA ARG B 81 6.34 15.77 9.31
C ARG B 81 5.81 14.63 10.15
N GLU B 82 5.41 14.95 11.37
CA GLU B 82 4.89 13.94 12.27
C GLU B 82 3.56 13.37 11.77
N VAL B 83 2.67 14.17 11.19
CA VAL B 83 1.35 13.61 10.77
C VAL B 83 1.48 12.52 9.70
N MET B 84 2.54 12.57 8.89
CA MET B 84 2.79 11.52 7.89
C MET B 84 2.96 10.12 8.51
N ARG B 85 3.43 10.10 9.76
CA ARG B 85 3.60 8.88 10.54
C ARG B 85 2.34 8.01 10.59
N SER B 86 1.13 8.62 10.57
CA SER B 86 -0.12 7.83 10.55
C SER B 86 -0.81 7.77 9.18
N LYS B 87 -0.28 8.49 8.20
CA LYS B 87 -0.95 8.66 6.92
C LYS B 87 -0.27 7.78 5.88
N MET B 88 -1.03 6.86 5.30
CA MET B 88 -0.43 5.88 4.39
C MET B 88 -0.67 6.21 2.94
N PRO B 89 0.13 5.63 2.04
CA PRO B 89 -0.13 5.73 0.61
C PRO B 89 -1.44 5.06 0.22
N ASN B 90 -2.25 5.76 -0.57
CA ASN B 90 -3.50 5.18 -1.08
C ASN B 90 -3.22 4.31 -2.33
N PRO B 91 -4.25 3.61 -2.85
CA PRO B 91 -4.02 2.67 -3.95
C PRO B 91 -3.46 3.25 -5.24
N ALA B 92 -3.70 4.53 -5.46
CA ALA B 92 -3.12 5.22 -6.60
C ALA B 92 -1.58 5.24 -6.43
N HIS B 93 -1.13 5.84 -5.33
CA HIS B 93 0.30 5.92 -5.01
C HIS B 93 1.07 4.67 -5.38
N LEU B 94 0.41 3.54 -5.13
CA LEU B 94 0.94 2.19 -5.35
C LEU B 94 0.83 1.67 -6.77
N ALA B 95 -0.39 1.73 -7.32
CA ALA B 95 -0.62 1.29 -8.70
C ALA B 95 0.47 1.88 -9.60
N ILE B 96 0.69 3.18 -9.40
CA ILE B 96 1.80 3.89 -10.00
C ILE B 96 3.10 3.18 -9.70
N ALA B 97 3.52 3.18 -8.44
CA ALA B 97 4.78 2.53 -8.05
C ALA B 97 4.93 1.14 -8.70
N GLU B 98 3.84 0.37 -8.69
CA GLU B 98 3.84 -1.00 -9.18
C GLU B 98 3.92 -1.06 -10.67
N CYS B 99 3.10 -0.23 -11.31
CA CYS B 99 3.14 -0.05 -12.74
C CYS B 99 4.51 0.43 -13.22
N GLU B 100 5.12 1.36 -12.50
CA GLU B 100 6.46 1.85 -12.86
C GLU B 100 7.43 0.70 -12.89
N ALA B 101 7.38 -0.09 -11.83
CA ALA B 101 8.24 -1.24 -11.65
C ALA B 101 7.96 -2.33 -12.69
N ARG B 102 6.69 -2.73 -12.79
CA ARG B 102 6.25 -3.72 -13.77
C ARG B 102 6.65 -3.38 -15.20
N LEU B 103 6.49 -2.11 -15.59
CA LEU B 103 6.81 -1.63 -16.95
C LEU B 103 8.30 -1.59 -17.21
N GLY B 104 9.04 -0.96 -16.29
CA GLY B 104 10.50 -0.98 -16.32
C GLY B 104 11.13 -2.34 -16.61
N GLN B 105 10.57 -3.38 -16.01
CA GLN B 105 10.94 -4.76 -16.32
C GLN B 105 11.03 -5.05 -17.81
N GLN B 106 10.04 -4.54 -18.54
CA GLN B 106 9.92 -4.69 -20.00
C GLN B 106 10.58 -3.52 -20.74
N GLY B 107 11.57 -2.88 -20.11
CA GLY B 107 12.23 -1.71 -20.67
C GLY B 107 11.35 -0.50 -20.93
N ARG B 108 10.21 -0.39 -20.25
CA ARG B 108 9.28 0.72 -20.48
C ARG B 108 9.35 1.74 -19.35
N SER B 109 9.46 3.01 -19.75
CA SER B 109 9.80 4.09 -18.87
C SER B 109 8.54 4.71 -18.25
N VAL B 110 8.60 5.04 -16.95
CA VAL B 110 7.49 5.63 -16.21
C VAL B 110 8.02 6.65 -15.21
N VAL B 111 7.63 7.91 -15.34
CA VAL B 111 8.10 8.90 -14.37
C VAL B 111 6.95 9.69 -13.78
N ILE B 112 7.12 10.00 -12.50
CA ILE B 112 6.13 10.76 -11.75
C ILE B 112 6.67 12.17 -11.63
N ILE B 113 5.78 13.13 -11.82
CA ILE B 113 6.08 14.55 -11.62
C ILE B 113 5.02 15.07 -10.66
N THR B 114 5.43 15.55 -9.49
CA THR B 114 4.50 15.74 -8.38
C THR B 114 4.59 17.10 -7.63
N GLN B 115 3.41 17.71 -7.44
CA GLN B 115 3.24 18.98 -6.71
C GLN B 115 3.26 18.76 -5.21
N ASN B 116 3.34 17.50 -4.79
CA ASN B 116 3.22 17.12 -3.41
C ASN B 116 4.58 17.02 -2.83
N ILE B 117 4.60 17.02 -1.51
CA ILE B 117 5.84 17.14 -0.76
C ILE B 117 5.94 16.18 0.41
N ASP B 118 5.14 15.11 0.34
CA ASP B 118 4.90 14.24 1.50
C ASP B 118 5.60 12.88 1.37
N GLU B 119 6.38 12.73 0.31
CA GLU B 119 7.12 11.53 -0.01
C GLU B 119 6.28 10.26 -0.11
N LEU B 120 4.97 10.39 -0.27
CA LEU B 120 4.09 9.23 -0.37
C LEU B 120 4.32 8.38 -1.61
N HIS B 121 4.73 8.96 -2.73
CA HIS B 121 5.14 8.14 -3.87
C HIS B 121 6.35 7.29 -3.53
N HIS B 122 7.30 7.91 -2.82
CA HIS B 122 8.57 7.31 -2.44
C HIS B 122 8.26 6.13 -1.57
N ARG B 123 7.29 6.31 -0.67
CA ARG B 123 6.87 5.25 0.24
C ARG B 123 6.09 4.15 -0.45
N ALA B 124 5.28 4.45 -1.45
CA ALA B 124 4.66 3.38 -2.25
C ALA B 124 5.71 2.63 -3.08
N GLY B 125 6.86 3.28 -3.27
CA GLY B 125 8.03 2.67 -3.89
C GLY B 125 8.22 3.10 -5.33
N SER B 126 7.63 4.21 -5.75
CA SER B 126 7.96 4.81 -7.04
C SER B 126 9.41 5.29 -6.89
N LYS B 127 10.19 5.21 -7.97
CA LYS B 127 11.64 5.51 -7.96
C LYS B 127 11.97 6.71 -8.82
N HIS B 128 11.65 6.64 -10.11
CA HIS B 128 11.93 7.74 -11.04
C HIS B 128 10.84 8.81 -10.80
N VAL B 129 11.08 9.64 -9.78
CA VAL B 129 10.11 10.60 -9.25
C VAL B 129 10.71 12.01 -9.29
N TYR B 130 9.88 13.03 -9.55
CA TYR B 130 10.30 14.44 -9.52
C TYR B 130 9.47 15.26 -8.53
N GLU B 131 10.02 15.50 -7.34
CA GLU B 131 9.30 16.30 -6.31
C GLU B 131 9.52 17.76 -6.59
N ILE B 132 8.59 18.37 -7.31
CA ILE B 132 8.87 19.70 -7.84
C ILE B 132 8.63 20.81 -6.84
N HIS B 133 8.02 20.49 -5.70
CA HIS B 133 7.88 21.48 -4.67
C HIS B 133 8.83 21.18 -3.55
N GLY B 134 9.79 20.29 -3.83
CA GLY B 134 10.68 19.77 -2.82
C GLY B 134 9.90 18.79 -1.98
N SER B 135 10.30 18.72 -0.70
CA SER B 135 9.82 17.70 0.23
C SER B 135 9.93 18.14 1.67
N LEU B 136 8.93 17.73 2.47
CA LEU B 136 8.98 17.88 3.94
C LEU B 136 10.19 17.21 4.55
N PHE B 137 10.52 16.02 4.07
CA PHE B 137 11.63 15.25 4.60
C PHE B 137 12.91 15.50 3.81
N LYS B 138 13.20 16.78 3.55
CA LYS B 138 14.51 17.24 3.05
C LYS B 138 14.81 18.63 3.60
N THR B 139 16.08 18.89 3.89
CA THR B 139 16.52 20.09 4.60
C THR B 139 17.54 20.85 3.80
N ARG B 140 17.45 22.18 3.86
CA ARG B 140 18.38 23.04 3.16
C ARG B 140 19.06 23.96 4.16
N CYS B 141 20.38 23.95 4.18
CA CYS B 141 21.13 24.89 5.01
C CYS B 141 21.05 26.29 4.46
N MET B 142 20.63 27.21 5.29
CA MET B 142 20.56 28.61 4.91
C MET B 142 21.95 29.23 4.63
N SER B 143 23.00 28.69 5.27
CA SER B 143 24.35 29.27 5.16
C SER B 143 25.03 28.75 3.90
N CYS B 144 25.32 27.46 3.87
CA CYS B 144 26.08 26.86 2.78
C CYS B 144 25.22 26.28 1.68
N GLY B 145 23.93 26.08 1.92
CA GLY B 145 23.04 25.58 0.86
C GLY B 145 22.89 24.07 0.69
N GLU B 146 23.55 23.27 1.53
CA GLU B 146 23.53 21.79 1.46
C GLU B 146 22.12 21.22 1.57
N VAL B 147 21.85 20.15 0.81
CA VAL B 147 20.54 19.47 0.82
C VAL B 147 20.70 17.99 1.19
N LYS B 148 20.34 17.66 2.43
CA LYS B 148 20.25 16.25 2.86
C LYS B 148 18.83 15.90 3.22
N ALA B 149 18.51 14.61 3.12
CA ALA B 149 17.21 14.10 3.55
C ALA B 149 17.20 14.06 5.04
N ASN B 150 16.03 14.16 5.63
CA ASN B 150 15.92 14.05 7.06
C ASN B 150 14.56 13.54 7.43
N HIS B 151 14.49 12.33 7.97
CA HIS B 151 13.25 11.78 8.51
C HIS B 151 13.23 11.66 10.04
N LYS B 152 14.22 12.26 10.72
CA LYS B 152 14.29 12.26 12.18
C LYS B 152 12.99 12.77 12.77
N SER B 153 12.57 12.14 13.84
CA SER B 153 11.35 12.48 14.52
C SER B 153 11.68 12.44 15.99
N PRO B 154 11.72 13.56 16.71
CA PRO B 154 11.71 14.88 16.15
C PRO B 154 13.00 15.19 15.37
N ILE B 155 12.87 16.01 14.34
CA ILE B 155 14.01 16.59 13.60
C ILE B 155 15.08 17.16 14.51
N CYS B 156 14.67 17.69 15.66
CA CYS B 156 15.61 18.09 16.67
C CYS B 156 14.90 18.10 18.04
N PRO B 157 15.66 17.84 19.13
CA PRO B 157 15.18 17.81 20.50
C PRO B 157 14.24 18.96 20.87
N ALA B 158 14.68 20.19 20.57
CA ALA B 158 13.94 21.40 20.96
C ALA B 158 12.47 21.40 20.56
N LEU B 159 12.17 20.74 19.43
CA LEU B 159 10.80 20.63 18.91
C LEU B 159 10.06 19.39 19.40
N ASP B 160 10.62 18.68 20.38
CA ASP B 160 10.12 17.39 20.68
C ASP B 160 8.70 17.52 21.20
N GLY B 161 7.76 16.95 20.45
CA GLY B 161 6.34 17.08 20.75
C GLY B 161 5.88 18.52 20.86
N LYS B 162 6.36 19.40 19.99
CA LYS B 162 5.80 20.73 19.88
C LYS B 162 4.92 20.71 18.65
N GLY B 163 4.53 21.90 18.19
CA GLY B 163 3.80 22.06 16.94
C GLY B 163 2.34 21.63 17.01
N ALA B 164 1.80 21.54 18.22
CA ALA B 164 0.41 21.12 18.39
C ALA B 164 -0.50 22.09 17.65
N PRO B 165 -1.56 21.58 17.00
CA PRO B 165 -2.39 22.37 16.08
C PRO B 165 -3.55 23.22 16.67
N ASP B 166 -3.67 23.33 17.98
CA ASP B 166 -4.86 23.93 18.60
C ASP B 166 -4.69 25.43 18.62
N PRO B 167 -5.75 26.19 18.26
CA PRO B 167 -5.73 27.65 18.37
C PRO B 167 -4.99 28.22 19.61
N ASN B 168 -5.09 27.48 20.72
CA ASN B 168 -4.79 27.99 22.05
C ASN B 168 -3.34 27.78 22.39
N THR B 169 -2.84 26.58 22.09
CA THR B 169 -1.45 26.20 22.26
C THR B 169 -0.46 27.37 22.35
N LYS B 170 0.31 27.40 23.44
CA LYS B 170 1.47 28.32 23.60
C LYS B 170 2.53 28.06 22.53
N GLU B 171 3.26 29.09 22.14
CA GLU B 171 4.32 28.90 21.14
C GLU B 171 5.55 28.33 21.79
N ALA B 172 6.13 27.30 21.19
CA ALA B 172 7.42 26.75 21.61
C ALA B 172 8.48 27.84 21.75
N ARG B 173 8.50 28.80 20.83
CA ARG B 173 9.31 29.99 20.97
C ARG B 173 10.79 29.66 21.13
N ILE B 174 11.24 28.72 20.31
CA ILE B 174 12.59 28.18 20.44
C ILE B 174 13.60 29.22 19.96
N PRO B 175 14.71 29.40 20.70
CA PRO B 175 15.82 30.20 20.21
C PRO B 175 16.49 29.58 18.97
N VAL B 176 16.88 30.41 18.01
CA VAL B 176 17.34 29.94 16.69
C VAL B 176 18.49 28.95 16.73
N GLU B 177 19.42 29.15 17.67
CA GLU B 177 20.56 28.28 17.77
C GLU B 177 20.13 26.83 18.03
N LEU B 178 18.99 26.63 18.70
CA LEU B 178 18.43 25.29 18.99
C LEU B 178 17.45 24.72 17.95
N LEU B 179 17.18 25.47 16.90
CA LEU B 179 16.45 24.93 15.75
C LEU B 179 17.42 24.03 14.95
N PRO B 180 16.91 23.23 13.99
CA PRO B 180 17.83 22.29 13.33
C PRO B 180 18.97 22.99 12.61
N ARG B 181 20.19 22.49 12.77
CA ARG B 181 21.38 23.13 12.20
C ARG B 181 22.20 22.19 11.36
N CYS B 182 23.09 22.81 10.59
CA CYS B 182 23.99 22.09 9.70
C CYS B 182 25.02 21.30 10.49
N GLU B 183 24.80 20.00 10.62
CA GLU B 183 25.72 19.16 11.41
C GLU B 183 27.14 19.06 10.84
N ARG B 184 27.33 19.32 9.54
CA ARG B 184 28.66 19.63 9.00
C ARG B 184 29.06 20.94 9.68
N LYS B 185 29.80 20.78 10.77
CA LYS B 185 30.10 21.87 11.72
C LYS B 185 31.18 22.82 11.21
N SER B 186 31.87 22.44 10.12
CA SER B 186 32.56 23.40 9.26
C SER B 186 31.67 24.59 8.89
N CYS B 187 30.34 24.42 8.95
CA CYS B 187 29.34 25.50 8.74
C CYS B 187 28.45 25.80 9.97
N ASN B 188 27.66 24.82 10.38
CA ASN B 188 26.66 24.97 11.47
C ASN B 188 25.60 26.08 11.22
N GLY B 189 25.23 26.25 9.96
CA GLY B 189 24.19 27.17 9.60
C GLY B 189 22.84 26.66 10.06
N LEU B 190 21.81 27.48 9.82
CA LEU B 190 20.43 27.13 10.11
C LEU B 190 19.81 26.38 8.94
N LEU B 191 19.06 25.34 9.25
CA LEU B 191 18.34 24.62 8.21
C LEU B 191 16.92 25.16 8.06
N ARG B 192 16.41 25.05 6.83
CA ARG B 192 15.00 25.31 6.51
C ARG B 192 14.43 24.07 5.81
N PRO B 193 13.09 23.95 5.76
CA PRO B 193 12.55 22.86 4.96
C PRO B 193 12.91 23.10 3.51
N HIS B 194 13.43 22.08 2.83
CA HIS B 194 13.71 22.19 1.39
C HIS B 194 12.41 22.00 0.61
N VAL B 195 11.59 23.04 0.67
CA VAL B 195 10.34 23.10 -0.05
C VAL B 195 10.23 24.43 -0.76
N VAL B 196 9.37 24.47 -1.78
CA VAL B 196 9.05 25.71 -2.46
C VAL B 196 7.93 26.35 -1.64
N TRP B 197 8.12 27.62 -1.30
CA TRP B 197 7.15 28.44 -0.56
C TRP B 197 6.46 29.41 -1.50
N PHE B 198 5.41 30.07 -1.00
CA PHE B 198 4.68 31.04 -1.79
C PHE B 198 5.60 32.18 -2.15
N GLY B 199 5.61 32.49 -3.45
CA GLY B 199 6.57 33.41 -4.03
C GLY B 199 7.98 32.86 -4.04
N GLU B 200 8.17 31.64 -4.55
CA GLU B 200 9.52 31.10 -4.80
C GLU B 200 9.46 30.32 -6.08
N THR B 201 10.40 30.56 -6.98
CA THR B 201 10.35 29.94 -8.28
C THR B 201 11.03 28.58 -8.27
N LEU B 202 10.65 27.76 -9.23
CA LEU B 202 11.07 26.38 -9.29
C LEU B 202 12.54 26.23 -9.73
N ASP B 203 13.17 25.14 -9.31
CA ASP B 203 14.57 24.84 -9.61
C ASP B 203 14.78 24.55 -11.10
N SER B 204 15.45 25.46 -11.79
CA SER B 204 15.79 25.32 -13.21
C SER B 204 16.42 23.97 -13.57
N ASP B 205 17.29 23.46 -12.72
CA ASP B 205 17.83 22.10 -12.88
C ASP B 205 16.70 21.09 -13.06
N ILE B 206 15.75 21.12 -12.14
CA ILE B 206 14.65 20.14 -12.16
C ILE B 206 13.83 20.32 -13.47
N LEU B 207 13.43 21.55 -13.78
CA LEU B 207 12.62 21.82 -14.98
C LEU B 207 13.28 21.32 -16.28
N THR B 208 14.59 21.43 -16.38
CA THR B 208 15.31 20.96 -17.55
C THR B 208 15.15 19.47 -17.67
N ALA B 209 15.32 18.78 -16.54
CA ALA B 209 15.17 17.33 -16.48
C ALA B 209 13.74 16.91 -16.82
N VAL B 210 12.77 17.65 -16.29
CA VAL B 210 11.36 17.40 -16.55
C VAL B 210 11.04 17.62 -18.03
N GLU B 211 11.50 18.77 -18.53
CA GLU B 211 11.39 19.16 -19.93
C GLU B 211 11.90 18.09 -20.86
N ARG B 212 13.07 17.55 -20.53
CA ARG B 212 13.59 16.37 -21.21
C ARG B 212 12.60 15.22 -21.09
N GLU B 213 12.30 14.83 -19.87
CA GLU B 213 11.40 13.69 -19.62
C GLU B 213 10.07 13.77 -20.36
N LEU B 214 9.50 14.97 -20.43
CA LEU B 214 8.19 15.13 -21.06
C LEU B 214 8.29 15.03 -22.54
N GLU B 215 9.32 15.65 -23.06
CA GLU B 215 9.60 15.57 -24.47
C GLU B 215 9.72 14.14 -24.88
N LYS B 216 10.31 13.27 -24.07
CA LYS B 216 10.38 11.82 -24.40
C LYS B 216 9.05 11.06 -24.31
N CYS B 217 8.05 11.61 -23.63
CA CYS B 217 6.89 10.80 -23.26
C CYS B 217 5.92 10.69 -24.43
N ASP B 218 5.17 9.59 -24.45
CA ASP B 218 4.16 9.34 -25.49
C ASP B 218 2.81 8.95 -24.89
N LEU B 219 2.63 9.39 -23.65
CA LEU B 219 1.40 9.23 -22.93
C LEU B 219 1.63 9.94 -21.62
N CYS B 220 0.69 10.81 -21.26
CA CYS B 220 0.76 11.59 -20.05
C CYS B 220 -0.50 11.42 -19.23
N LEU B 221 -0.32 11.31 -17.91
CA LEU B 221 -1.44 11.19 -16.99
C LEU B 221 -1.39 12.33 -16.01
N VAL B 222 -2.55 12.95 -15.80
CA VAL B 222 -2.72 13.99 -14.80
C VAL B 222 -3.59 13.34 -13.72
N VAL B 223 -3.15 13.39 -12.47
CA VAL B 223 -3.81 12.63 -11.40
C VAL B 223 -4.07 13.43 -10.13
N GLY B 224 -5.35 13.51 -9.73
CA GLY B 224 -5.77 14.28 -8.56
C GLY B 224 -5.59 15.78 -8.74
N THR B 225 -5.66 16.22 -9.98
CA THR B 225 -5.56 17.62 -10.35
C THR B 225 -6.05 17.74 -11.78
N SER B 226 -6.01 18.92 -12.39
CA SER B 226 -6.43 19.05 -13.79
C SER B 226 -5.43 19.83 -14.65
N SER B 227 -5.42 19.47 -15.94
CA SER B 227 -4.48 19.99 -16.93
C SER B 227 -4.51 21.51 -17.00
N ILE B 228 -5.69 22.08 -16.74
CA ILE B 228 -5.95 23.49 -16.95
C ILE B 228 -5.48 24.44 -15.85
N VAL B 229 -4.93 23.92 -14.73
CA VAL B 229 -4.50 24.83 -13.64
C VAL B 229 -3.05 24.64 -13.33
N TYR B 230 -2.43 25.74 -12.91
CA TYR B 230 -1.06 25.73 -12.45
C TYR B 230 -0.97 24.73 -11.31
N PRO B 231 0.10 23.94 -11.19
CA PRO B 231 1.18 23.85 -12.18
C PRO B 231 1.06 22.71 -13.19
N ALA B 232 0.11 21.79 -13.06
CA ALA B 232 -0.12 20.81 -14.16
C ALA B 232 -0.11 21.44 -15.58
N ALA B 233 -0.68 22.63 -15.71
CA ALA B 233 -0.77 23.36 -16.97
C ALA B 233 0.54 23.78 -17.64
N MET B 234 1.65 23.71 -16.89
CA MET B 234 2.99 23.89 -17.47
C MET B 234 3.47 22.71 -18.29
N PHE B 235 2.83 21.55 -18.06
CA PHE B 235 3.32 20.28 -18.59
C PHE B 235 2.31 19.71 -19.57
N ALA B 236 1.14 19.34 -19.08
CA ALA B 236 0.18 18.55 -19.90
C ALA B 236 -0.13 19.19 -21.27
N PRO B 237 -0.35 20.51 -21.29
CA PRO B 237 -0.48 21.24 -22.55
C PRO B 237 0.67 21.03 -23.51
N GLN B 238 1.90 21.24 -23.05
CA GLN B 238 3.10 21.15 -23.90
C GLN B 238 3.13 19.84 -24.70
N VAL B 239 2.78 18.76 -24.01
CA VAL B 239 2.80 17.42 -24.55
C VAL B 239 1.52 17.12 -25.32
N ALA B 240 0.39 17.55 -24.81
CA ALA B 240 -0.88 17.39 -25.53
C ALA B 240 -0.82 18.12 -26.85
N SER B 241 -0.29 19.33 -26.83
CA SER B 241 -0.15 20.16 -28.04
C SER B 241 0.64 19.50 -29.20
N ARG B 242 1.47 18.51 -28.87
CA ARG B 242 2.15 17.71 -29.89
C ARG B 242 1.35 16.46 -30.28
N GLY B 243 0.07 16.39 -29.89
CA GLY B 243 -0.75 15.21 -30.08
C GLY B 243 -0.44 13.97 -29.24
N VAL B 244 0.27 14.12 -28.13
CA VAL B 244 0.44 13.01 -27.17
C VAL B 244 -0.80 12.96 -26.28
N PRO B 245 -1.42 11.78 -26.12
CA PRO B 245 -2.67 11.79 -25.38
C PRO B 245 -2.46 11.99 -23.87
N VAL B 246 -3.38 12.72 -23.28
CA VAL B 246 -3.37 13.14 -21.90
C VAL B 246 -4.64 12.56 -21.31
N ALA B 247 -4.55 11.98 -20.10
CA ALA B 247 -5.73 11.46 -19.40
C ALA B 247 -5.80 11.97 -17.95
N GLU B 248 -6.91 12.61 -17.60
CA GLU B 248 -7.11 13.21 -16.29
C GLU B 248 -7.78 12.14 -15.42
N PHE B 249 -7.38 12.02 -14.16
CA PHE B 249 -8.07 11.19 -13.16
C PHE B 249 -8.27 12.03 -11.93
N ASN B 250 -9.46 12.57 -11.76
CA ASN B 250 -9.65 13.43 -10.64
C ASN B 250 -11.08 13.46 -10.18
N MET B 251 -11.27 14.14 -9.07
CA MET B 251 -12.58 14.40 -8.53
C MET B 251 -13.05 15.82 -8.82
N GLU B 252 -12.21 16.72 -9.34
CA GLU B 252 -12.77 18.03 -9.79
C GLU B 252 -13.69 17.75 -10.97
N CYS B 253 -14.94 18.23 -10.90
CA CYS B 253 -15.91 18.10 -12.01
C CYS B 253 -15.31 18.52 -13.34
N THR B 254 -14.50 19.59 -13.28
CA THR B 254 -13.91 20.25 -14.43
C THR B 254 -14.93 20.17 -15.62
N PRO B 255 -15.90 21.15 -15.72
CA PRO B 255 -17.08 21.10 -16.61
C PRO B 255 -16.87 20.48 -17.99
N ALA B 256 -17.93 19.99 -18.61
CA ALA B 256 -17.81 19.18 -19.84
C ALA B 256 -16.70 19.58 -20.83
N THR B 257 -16.57 20.89 -21.09
CA THR B 257 -15.60 21.49 -22.04
C THR B 257 -14.11 21.53 -21.63
N GLN B 258 -13.83 21.49 -20.33
CA GLN B 258 -12.45 21.62 -19.79
C GLN B 258 -11.70 20.31 -19.56
N ARG B 259 -12.40 19.19 -19.77
CA ARG B 259 -11.82 17.84 -19.67
C ARG B 259 -10.93 17.63 -20.90
N PHE B 260 -9.75 17.02 -20.73
CA PHE B 260 -8.83 16.78 -21.87
C PHE B 260 -9.28 15.50 -22.65
N LYS B 261 -8.42 14.90 -23.47
CA LYS B 261 -8.80 13.68 -24.23
C LYS B 261 -9.70 12.66 -23.49
N TYR B 262 -9.24 12.12 -22.35
CA TYR B 262 -9.88 11.05 -21.61
C TYR B 262 -10.04 11.62 -20.24
N HIS B 263 -11.26 11.73 -19.72
CA HIS B 263 -11.42 12.10 -18.33
C HIS B 263 -11.86 10.89 -17.60
N PHE B 264 -11.43 10.75 -16.34
CA PHE B 264 -11.82 9.64 -15.51
C PHE B 264 -12.17 10.16 -14.12
N GLU B 265 -13.42 10.60 -14.02
CA GLU B 265 -13.94 11.34 -12.86
C GLU B 265 -14.14 10.40 -11.70
N GLY B 266 -13.83 10.88 -10.52
CA GLY B 266 -13.93 10.10 -9.29
C GLY B 266 -12.57 9.74 -8.75
N PRO B 267 -12.56 9.23 -7.51
CA PRO B 267 -11.35 9.11 -6.71
C PRO B 267 -10.28 8.25 -7.39
N CYS B 268 -9.06 8.77 -7.40
CA CYS B 268 -7.91 8.16 -8.06
C CYS B 268 -7.70 6.73 -7.62
N GLY B 269 -7.78 6.53 -6.31
CA GLY B 269 -7.62 5.22 -5.70
C GLY B 269 -8.53 4.18 -6.28
N SER B 270 -9.73 4.59 -6.65
CA SER B 270 -10.66 3.72 -7.33
C SER B 270 -10.33 3.61 -8.80
N THR B 271 -10.17 4.77 -9.44
CA THR B 271 -10.12 4.87 -10.90
C THR B 271 -8.85 4.29 -11.49
N LEU B 272 -7.72 4.62 -10.89
CA LEU B 272 -6.42 4.42 -11.52
C LEU B 272 -5.92 2.96 -11.62
N PRO B 273 -5.99 2.18 -10.49
CA PRO B 273 -5.51 0.79 -10.55
C PRO B 273 -6.11 -0.12 -11.64
N PRO B 274 -7.43 0.00 -11.87
CA PRO B 274 -8.03 -0.60 -13.04
C PRO B 274 -7.37 -0.16 -14.33
N ALA B 275 -7.18 1.16 -14.47
CA ALA B 275 -6.59 1.69 -15.69
C ALA B 275 -5.19 1.17 -15.97
N LEU B 276 -4.36 1.08 -14.93
CA LEU B 276 -2.93 0.75 -15.09
C LEU B 276 -2.55 -0.70 -15.08
N GLU B 277 -3.48 -1.58 -14.69
CA GLU B 277 -3.16 -2.99 -14.44
C GLU B 277 -2.63 -3.76 -15.66
O GZB C 1 -3.57 -32.83 10.57
C GZB C 1 -2.55 -32.14 10.45
CA GZB C 1 -1.21 -32.75 10.14
N GZB C 1 -1.20 -34.16 10.63
CAE GZB C 1 -0.90 -35.19 9.85
OAF GZB C 1 -0.65 -35.14 8.64
CAG GZB C 1 -0.88 -36.41 10.54
CAH GZB C 1 -2.06 -37.01 10.93
CAI GZB C 1 -2.02 -38.21 11.63
CAJ GZB C 1 -0.80 -38.78 11.95
CAK GZB C 1 0.38 -38.17 11.56
CAL GZB C 1 0.35 -36.97 10.86
N VAL C 2 -2.53 -30.83 10.61
CA VAL C 2 -3.69 -30.07 10.97
C VAL C 2 -4.57 -29.78 9.78
N LEU C 3 -5.80 -30.26 9.81
CA LEU C 3 -6.72 -29.98 8.72
C LEU C 3 -7.07 -28.49 8.68
CA DQK C 4 -7.87 -26.64 7.32
C DQK C 4 -9.29 -26.45 7.89
N DQK C 4 -7.48 -28.02 7.51
O DQK C 4 -10.26 -27.00 7.37
CB DQK C 4 -7.84 -26.30 5.82
CAD DQK C 4 -8.80 -25.14 5.51
CAE DQK C 4 -8.43 -24.52 4.15
CAF DQK C 4 -7.65 -23.24 4.40
NAG DQK C 4 -7.30 -22.62 3.11
CAJ DQK C 4 -7.43 -21.31 2.89
OAN DQK C 4 -7.85 -20.51 3.72
CAK DQK C 4 -7.03 -20.84 1.48
CAL DQK C 4 -8.32 -20.69 0.68
CAM DQK C 4 -8.12 -20.94 -0.82
OAP DQK C 4 -8.18 -19.95 -1.58
OAO DQK C 4 -7.97 -22.13 -1.18
SAQ DQK C 4 -9.51 -21.86 1.31
CAR DQK C 4 -10.92 -20.86 1.23
CAS DQK C 4 -11.78 -20.78 2.31
CAT DQK C 4 -12.92 -19.98 2.23
CAU DQK C 4 -13.16 -19.27 1.05
CAV DQK C 4 -12.28 -19.35 -0.02
CAW DQK C 4 -11.16 -20.15 0.06
N GLU C 5 -9.37 -25.66 8.95
CA GLU C 5 -10.63 -25.38 9.63
C GLU C 5 -10.94 -26.58 10.52
N TYR C 6 -9.89 -27.33 10.84
CA TYR C 6 -9.99 -28.48 11.73
C TYR C 6 -10.88 -29.56 11.14
N GLY C 7 -11.03 -29.57 9.82
CA GLY C 7 -11.86 -30.56 9.16
C GLY C 7 -13.13 -30.00 8.57
N VAL C 8 -13.57 -28.85 9.07
CA VAL C 8 -14.75 -28.19 8.53
C VAL C 8 -14.38 -26.92 7.76
O GZB D 1 -3.60 -32.81 10.58
C GZB D 1 -2.58 -32.14 10.46
CA GZB D 1 -1.24 -32.74 10.16
N GZB D 1 -1.24 -34.14 10.65
CAE GZB D 1 -0.88 -35.19 9.87
OAF GZB D 1 -0.57 -35.11 8.69
CAG GZB D 1 -0.86 -36.39 10.55
CAH GZB D 1 -2.05 -37.00 10.93
CAI GZB D 1 -2.02 -38.19 11.63
CAJ GZB D 1 -0.81 -38.77 11.94
CAK GZB D 1 0.39 -38.17 11.58
CAL GZB D 1 0.36 -36.96 10.88
N VAL D 2 -2.56 -30.82 10.61
CA VAL D 2 -3.72 -30.04 10.97
C VAL D 2 -4.58 -29.76 9.76
N LEU D 3 -5.83 -30.21 9.80
CA LEU D 3 -6.72 -29.94 8.70
C LEU D 3 -7.07 -28.45 8.63
O EYZ D 4 -10.26 -26.93 7.27
C EYZ D 4 -9.27 -26.42 7.80
CA EYZ D 4 -7.86 -26.63 7.22
N EYZ D 4 -7.46 -28.01 7.44
CB EYZ D 4 -7.84 -26.33 5.71
CAD EYZ D 4 -8.67 -25.10 5.38
CAE EYZ D 4 -8.35 -24.64 3.95
CAF EYZ D 4 -7.47 -23.39 4.02
NAG EYZ D 4 -7.65 -22.60 2.78
CAL EYZ D 4 -8.06 -21.34 2.82
OAK EYZ D 4 -8.31 -20.75 3.87
CAJ EYZ D 4 -8.20 -20.63 1.47
CAM EYZ D 4 -8.56 -21.57 0.29
CAN EYZ D 4 -8.63 -20.72 -0.97
OAP EYZ D 4 -7.62 -20.63 -1.68
OAO EYZ D 4 -9.73 -20.16 -1.21
SAQ EYZ D 4 -10.17 -22.31 0.49
CAR EYZ D 4 -10.90 -20.84 0.88
CAS EYZ D 4 -11.16 -20.55 2.20
CAT EYZ D 4 -11.73 -19.34 2.53
CAU EYZ D 4 -12.03 -18.42 1.53
CAV EYZ D 4 -11.76 -18.70 0.20
CAW EYZ D 4 -11.19 -19.91 -0.13
N GLU D 5 -9.33 -25.68 8.89
CA GLU D 5 -10.59 -25.39 9.58
C GLU D 5 -10.91 -26.58 10.48
N TYR D 6 -9.86 -27.33 10.82
CA TYR D 6 -9.98 -28.47 11.71
C TYR D 6 -10.87 -29.55 11.13
N GLY D 7 -11.02 -29.56 9.81
CA GLY D 7 -11.84 -30.56 9.15
C GLY D 7 -13.12 -29.99 8.57
N VAL D 8 -13.56 -28.84 9.07
CA VAL D 8 -14.75 -28.19 8.53
C VAL D 8 -14.38 -26.92 7.76
ZN ZN E . 7.52 -31.18 -12.50
C1 GOL F . 4.52 -23.37 -19.18
O1 GOL F . 4.65 -22.42 -18.12
C2 GOL F . 3.10 -23.34 -19.77
O2 GOL F . 2.12 -22.98 -18.78
C3 GOL F . 2.76 -24.68 -20.46
O3 GOL F . 1.34 -24.89 -20.55
ZN ZN G . 25.60 24.46 6.12
N1 EPE H . 3.22 25.43 -2.94
C2 EPE H . 2.47 25.48 -4.22
C3 EPE H . 3.40 25.94 -5.34
N4 EPE H . 3.87 27.34 -5.13
C5 EPE H . 3.86 27.72 -3.69
C6 EPE H . 4.23 26.52 -2.83
C7 EPE H . 5.18 27.63 -5.76
C8 EPE H . 4.96 28.09 -7.21
O8 EPE H . 6.16 28.66 -7.74
C9 EPE H . 2.33 25.44 -1.77
C10 EPE H . 3.00 24.65 -0.65
S EPE H . 2.16 24.68 0.79
O1S EPE H . 3.10 25.08 1.88
O2S EPE H . 0.99 25.59 0.74
O3S EPE H . 1.68 23.31 1.07
#